data_6GO7
#
_entry.id   6GO7
#
_cell.length_a   47.000
_cell.length_b   90.310
_cell.length_c   65.900
_cell.angle_alpha   90.00
_cell.angle_beta   106.79
_cell.angle_gamma   90.00
#
_symmetry.space_group_name_H-M   'P 1 21 1'
#
loop_
_entity.id
_entity.type
_entity.pdbx_description
1 polymer 'DNA nucleotidylexotransferase,DNA-directed DNA/RNA polymerase mu,DNA nucleotidylexotransferase'
2 polymer "DNA (5'-D(*AP*AP*AP*AP*AP*C)-3')"
3 polymer "DNA (5'-D(*TP*TP*TP*TP*TP*GP*C)-3')"
4 non-polymer 'SODIUM ION'
5 non-polymer "2',3'-DIDEOXYCYTIDINE 5'-TRIPHOSPHATE"
6 non-polymer 'MAGNESIUM ION'
7 water water
#
loop_
_entity_poly.entity_id
_entity_poly.type
_entity_poly.pdbx_seq_one_letter_code
_entity_poly.pdbx_strand_id
1 'polypeptide(L)'
;MGSSHHHHHHSSGLVPRGSHMSPSPVPGSQNVPAPAVKKISQYACQRRTTLNNYNQLFTDALDILAENDELRENEGSCLA
FMRASSVLKSLPFPITSMKDTEGIPCLGDKVKSIIEGIIEDGESSEAKAVLNDERYKSFKLFTSVFGVGLKTAEKWFRMG
FRTLSKIQSDKSLRFTQMQKAGFLYYEDLVSCVNRPEAEAVSMLVKEAVVTFLPDALVTMTGGFRRGKMTGHDVDFLITS
PEATEDEEQQLLHKVTDFWKQQGLLLYHQYHRSHLADSAHNLRQRSSTMDVFERSFCILKLDHGRVHSEKSGQQEGKGWK
AIRVDLVMCPYDRRAFALLGWTGSRQFERDLRRYATHERKMMLDNHALYDRTKRVFLEAESEEEIFAHLGLDYIEPWERN
A
;
A
2 'polydeoxyribonucleotide' (DA)(DA)(DA)(DA)(DA)(DC) F,G
3 'polydeoxyribonucleotide' (DT)(DT)(DT)(DT)(DT)(DG)(DC) E,H,I,J
#
loop_
_chem_comp.id
_chem_comp.type
_chem_comp.name
_chem_comp.formula
DA DNA linking 2'-DEOXYADENOSINE-5'-MONOPHOSPHATE 'C10 H14 N5 O6 P'
DC DNA linking 2'-DEOXYCYTIDINE-5'-MONOPHOSPHATE 'C9 H14 N3 O7 P'
DCT DNA linking '2',3'-DIDEOXYCYTIDINE 5'-TRIPHOSPHATE' 'C9 H16 N3 O12 P3'
DG DNA linking 2'-DEOXYGUANOSINE-5'-MONOPHOSPHATE 'C10 H14 N5 O7 P'
DT DNA linking THYMIDINE-5'-MONOPHOSPHATE 'C10 H15 N2 O8 P'
MG non-polymer 'MAGNESIUM ION' 'Mg 2'
NA non-polymer 'SODIUM ION' 'Na 1'
#
# COMPACT_ATOMS: atom_id res chain seq x y z
N LYS A 39 14.68 -10.12 22.01
CA LYS A 39 15.35 -8.95 21.48
C LYS A 39 14.54 -8.41 20.27
N ILE A 40 14.31 -9.26 19.21
CA ILE A 40 13.53 -8.89 18.01
C ILE A 40 12.09 -8.82 18.44
N SER A 41 11.38 -7.74 18.09
CA SER A 41 9.99 -7.57 18.48
C SER A 41 9.01 -8.10 17.46
N GLN A 42 7.87 -8.57 17.95
CA GLN A 42 6.73 -9.06 17.13
C GLN A 42 5.95 -7.90 16.44
N TYR A 43 6.33 -6.65 16.75
CA TYR A 43 5.74 -5.40 16.28
C TYR A 43 6.67 -4.76 15.25
N ALA A 44 6.17 -4.53 14.03
CA ALA A 44 6.91 -3.92 12.93
C ALA A 44 7.32 -2.47 13.26
N CYS A 45 6.63 -1.81 14.22
CA CYS A 45 6.97 -0.46 14.68
C CYS A 45 8.19 -0.44 15.62
N GLN A 46 8.57 -1.61 16.16
CA GLN A 46 9.75 -1.77 17.03
C GLN A 46 10.90 -2.45 16.20
N ARG A 47 10.80 -2.41 14.86
CA ARG A 47 11.78 -3.01 13.94
C ARG A 47 12.21 -2.04 12.83
N ARG A 48 13.46 -2.16 12.41
CA ARG A 48 14.04 -1.41 11.31
C ARG A 48 14.03 -2.37 10.09
N THR A 49 13.18 -2.07 9.08
CA THR A 49 13.03 -2.91 7.90
C THR A 49 13.32 -2.10 6.63
N THR A 50 14.52 -2.25 6.09
CA THR A 50 14.92 -1.57 4.85
C THR A 50 14.50 -2.42 3.62
N LEU A 51 14.84 -1.98 2.42
CA LEU A 51 14.47 -2.75 1.25
C LEU A 51 15.46 -3.91 0.92
N ASN A 52 16.47 -4.14 1.78
CA ASN A 52 17.47 -5.21 1.63
C ASN A 52 17.05 -6.48 2.38
N ASN A 53 16.32 -7.33 1.67
CA ASN A 53 15.81 -8.59 2.17
C ASN A 53 16.78 -9.72 1.81
N TYR A 54 17.35 -10.36 2.85
CA TYR A 54 18.25 -11.50 2.69
C TYR A 54 17.48 -12.82 2.72
N ASN A 55 16.16 -12.77 3.03
CA ASN A 55 15.31 -13.95 3.12
C ASN A 55 14.18 -13.95 2.08
N GLN A 56 14.41 -13.41 0.91
CA GLN A 56 13.45 -13.36 -0.18
C GLN A 56 12.92 -14.70 -0.60
N LEU A 57 13.75 -15.72 -0.49
CA LEU A 57 13.36 -17.11 -0.75
C LEU A 57 12.19 -17.49 0.12
N PHE A 58 12.30 -17.28 1.46
CA PHE A 58 11.26 -17.60 2.44
C PHE A 58 10.08 -16.65 2.40
N THR A 59 10.35 -15.32 2.32
CA THR A 59 9.30 -14.29 2.31
C THR A 59 8.35 -14.51 1.12
N ASP A 60 8.88 -14.90 -0.05
CA ASP A 60 8.08 -15.18 -1.24
C ASP A 60 7.11 -16.34 -1.01
N ALA A 61 7.58 -17.44 -0.39
CA ALA A 61 6.75 -18.61 -0.07
C ALA A 61 5.64 -18.27 0.93
N LEU A 62 5.98 -17.54 2.02
CA LEU A 62 5.01 -17.11 3.02
C LEU A 62 4.01 -16.09 2.43
N ASP A 63 4.44 -15.22 1.47
CA ASP A 63 3.59 -14.24 0.80
C ASP A 63 2.52 -14.90 -0.06
N ILE A 64 2.82 -16.06 -0.64
CA ILE A 64 1.90 -16.83 -1.48
C ILE A 64 0.83 -17.53 -0.62
N LEU A 65 1.26 -18.11 0.52
CA LEU A 65 0.38 -18.84 1.42
C LEU A 65 -0.56 -17.91 2.17
N ALA A 66 -0.12 -16.66 2.47
CA ALA A 66 -0.93 -15.64 3.12
C ALA A 66 -2.00 -15.15 2.12
N GLU A 67 -1.63 -15.05 0.83
CA GLU A 67 -2.53 -14.61 -0.25
C GLU A 67 -3.62 -15.65 -0.45
N ASN A 68 -3.25 -16.94 -0.43
CA ASN A 68 -4.17 -18.07 -0.57
C ASN A 68 -5.21 -18.07 0.56
N ASP A 69 -4.76 -17.86 1.81
CA ASP A 69 -5.64 -17.79 2.97
C ASP A 69 -6.55 -16.53 2.93
N GLU A 70 -6.09 -15.43 2.31
CA GLU A 70 -6.89 -14.20 2.15
C GLU A 70 -8.05 -14.48 1.18
N LEU A 71 -7.78 -15.24 0.10
CA LEU A 71 -8.79 -15.60 -0.88
C LEU A 71 -9.73 -16.68 -0.34
N ARG A 72 -9.21 -17.64 0.48
CA ARG A 72 -9.99 -18.71 1.11
C ARG A 72 -10.71 -18.18 2.40
N GLU A 73 -10.56 -16.85 2.67
CA GLU A 73 -11.12 -16.06 3.77
C GLU A 73 -10.66 -16.52 5.18
N ASN A 74 -9.56 -17.30 5.29
CA ASN A 74 -8.97 -17.71 6.58
C ASN A 74 -8.12 -16.54 7.07
N GLU A 75 -8.78 -15.51 7.60
CA GLU A 75 -8.20 -14.21 8.02
C GLU A 75 -7.12 -14.31 9.09
N GLY A 76 -7.31 -15.24 10.03
CA GLY A 76 -6.41 -15.47 11.15
C GLY A 76 -5.06 -15.94 10.67
N SER A 77 -5.08 -17.05 9.93
CA SER A 77 -3.93 -17.73 9.34
C SER A 77 -3.18 -16.83 8.33
N CYS A 78 -3.95 -16.07 7.52
CA CYS A 78 -3.47 -15.11 6.53
C CYS A 78 -2.53 -14.09 7.18
N LEU A 79 -2.96 -13.49 8.33
CA LEU A 79 -2.17 -12.52 9.09
C LEU A 79 -0.92 -13.17 9.66
N ALA A 80 -1.04 -14.40 10.19
CA ALA A 80 0.06 -15.16 10.75
C ALA A 80 1.21 -15.32 9.77
N PHE A 81 0.92 -15.55 8.46
CA PHE A 81 1.98 -15.69 7.46
C PHE A 81 2.51 -14.33 7.06
N MET A 82 1.67 -13.30 7.12
CA MET A 82 2.05 -11.93 6.78
C MET A 82 3.01 -11.36 7.79
N ARG A 83 2.83 -11.70 9.09
CA ARG A 83 3.68 -11.24 10.19
C ARG A 83 4.98 -12.04 10.26
N ALA A 84 4.98 -13.28 9.76
CA ALA A 84 6.18 -14.13 9.73
C ALA A 84 7.03 -13.69 8.55
N SER A 85 6.39 -13.37 7.41
CA SER A 85 7.07 -12.88 6.18
C SER A 85 7.76 -11.51 6.46
N SER A 86 7.05 -10.64 7.18
CA SER A 86 7.47 -9.31 7.63
C SER A 86 8.69 -9.34 8.55
N VAL A 87 8.68 -10.24 9.57
CA VAL A 87 9.73 -10.34 10.58
C VAL A 87 11.05 -10.77 9.92
N LEU A 88 11.00 -11.68 8.93
CA LEU A 88 12.18 -12.18 8.19
C LEU A 88 12.78 -11.12 7.26
N LYS A 89 11.97 -10.17 6.77
CA LYS A 89 12.46 -9.03 5.96
C LYS A 89 13.33 -8.10 6.81
N SER A 90 13.18 -8.12 8.16
CA SER A 90 13.96 -7.28 9.07
C SER A 90 15.31 -7.85 9.47
N LEU A 91 15.56 -9.16 9.20
CA LEU A 91 16.80 -9.84 9.58
C LEU A 91 17.95 -9.30 8.76
N PRO A 92 19.13 -9.06 9.38
CA PRO A 92 20.26 -8.52 8.61
C PRO A 92 21.14 -9.61 8.00
N PHE A 93 20.60 -10.84 7.87
CA PHE A 93 21.32 -12.03 7.36
C PHE A 93 20.35 -13.10 6.80
N PRO A 94 20.77 -13.97 5.86
CA PRO A 94 19.86 -15.04 5.41
C PRO A 94 19.81 -16.25 6.37
N ILE A 95 18.64 -16.92 6.47
CA ILE A 95 18.50 -18.15 7.27
C ILE A 95 19.15 -19.30 6.47
N THR A 96 20.11 -20.02 7.05
CA THR A 96 20.80 -21.12 6.34
C THR A 96 20.69 -22.44 7.11
N SER A 97 20.06 -22.41 8.29
CA SER A 97 19.80 -23.54 9.19
C SER A 97 18.68 -23.21 10.16
N MET A 98 18.06 -24.25 10.75
CA MET A 98 16.95 -24.14 11.70
C MET A 98 17.35 -23.52 13.03
N LYS A 99 18.67 -23.48 13.33
CA LYS A 99 19.20 -22.86 14.54
C LYS A 99 19.13 -21.35 14.40
N ASP A 100 19.06 -20.83 13.14
CA ASP A 100 18.94 -19.39 12.83
C ASP A 100 17.57 -18.81 13.18
N THR A 101 16.53 -19.67 13.30
CA THR A 101 15.15 -19.27 13.60
C THR A 101 14.93 -19.05 15.09
N GLU A 102 15.94 -19.41 15.91
CA GLU A 102 15.92 -19.29 17.36
C GLU A 102 15.69 -17.83 17.84
N GLY A 103 14.63 -17.65 18.62
CA GLY A 103 14.28 -16.38 19.23
C GLY A 103 13.66 -15.33 18.33
N ILE A 104 13.22 -15.75 17.13
CA ILE A 104 12.55 -14.81 16.23
C ILE A 104 11.02 -14.90 16.54
N PRO A 105 10.29 -13.79 16.84
CA PRO A 105 8.85 -13.92 17.11
C PRO A 105 8.07 -14.28 15.84
N CYS A 106 6.74 -14.56 15.98
CA CYS A 106 5.83 -14.88 14.88
C CYS A 106 6.17 -16.17 14.09
N LEU A 107 7.25 -16.89 14.43
CA LEU A 107 7.58 -18.14 13.74
C LEU A 107 7.19 -19.29 14.64
N GLY A 108 5.99 -19.80 14.43
CA GLY A 108 5.47 -20.93 15.17
C GLY A 108 5.76 -22.24 14.44
N ASP A 109 5.03 -23.27 14.82
CA ASP A 109 5.13 -24.64 14.32
C ASP A 109 4.96 -24.76 12.78
N LYS A 110 3.96 -24.07 12.18
CA LYS A 110 3.71 -24.11 10.74
C LYS A 110 4.78 -23.38 9.94
N VAL A 111 5.03 -22.10 10.25
CA VAL A 111 6.03 -21.27 9.60
C VAL A 111 7.42 -21.96 9.60
N LYS A 112 7.84 -22.50 10.76
CA LYS A 112 9.11 -23.21 10.92
C LYS A 112 9.17 -24.40 9.98
N SER A 113 8.00 -25.02 9.69
CA SER A 113 7.87 -26.16 8.77
C SER A 113 8.14 -25.69 7.34
N ILE A 114 7.52 -24.54 6.91
CA ILE A 114 7.72 -23.95 5.57
C ILE A 114 9.19 -23.59 5.39
N ILE A 115 9.83 -22.95 6.40
CA ILE A 115 11.26 -22.59 6.45
C ILE A 115 12.10 -23.85 6.27
N GLU A 116 11.86 -24.90 7.09
CA GLU A 116 12.59 -26.18 7.08
C GLU A 116 12.57 -26.90 5.73
N GLY A 117 11.43 -26.81 5.04
CA GLY A 117 11.25 -27.42 3.73
C GLY A 117 12.04 -26.68 2.67
N ILE A 118 12.18 -25.35 2.84
CA ILE A 118 12.92 -24.52 1.89
C ILE A 118 14.41 -24.78 2.06
N ILE A 119 14.86 -25.05 3.29
CA ILE A 119 16.26 -25.38 3.58
C ILE A 119 16.68 -26.71 2.90
N GLU A 120 15.85 -27.77 3.03
CA GLU A 120 16.17 -29.08 2.42
C GLU A 120 16.01 -29.15 0.88
N ASP A 121 14.78 -28.90 0.36
CA ASP A 121 14.49 -29.05 -1.07
C ASP A 121 14.64 -27.79 -1.93
N GLY A 122 15.16 -26.71 -1.37
CA GLY A 122 15.39 -25.45 -2.08
C GLY A 122 14.16 -24.64 -2.43
N GLU A 123 12.96 -25.20 -2.16
CA GLU A 123 11.64 -24.57 -2.41
C GLU A 123 10.59 -25.15 -1.49
N SER A 124 9.41 -24.49 -1.45
CA SER A 124 8.27 -24.89 -0.64
C SER A 124 7.24 -25.63 -1.48
N SER A 125 6.99 -26.90 -1.09
CA SER A 125 5.98 -27.78 -1.68
C SER A 125 4.61 -27.09 -1.51
N GLU A 126 4.37 -26.54 -0.30
CA GLU A 126 3.17 -25.82 0.11
C GLU A 126 2.89 -24.69 -0.88
N ALA A 127 3.86 -23.75 -1.03
CA ALA A 127 3.74 -22.59 -1.92
C ALA A 127 3.57 -23.00 -3.37
N LYS A 128 4.28 -24.09 -3.82
CA LYS A 128 4.22 -24.62 -5.18
C LYS A 128 2.83 -25.14 -5.55
N ALA A 129 2.17 -25.87 -4.61
CA ALA A 129 0.82 -26.43 -4.76
C ALA A 129 -0.22 -25.32 -4.88
N VAL A 130 -0.02 -24.19 -4.17
CA VAL A 130 -0.88 -23.01 -4.19
C VAL A 130 -0.74 -22.34 -5.57
N LEU A 131 0.50 -22.00 -5.99
CA LEU A 131 0.83 -21.37 -7.28
C LEU A 131 0.22 -22.07 -8.50
N ASN A 132 -0.09 -23.37 -8.35
CA ASN A 132 -0.64 -24.18 -9.43
C ASN A 132 -2.14 -24.44 -9.28
N ASP A 133 -2.75 -23.92 -8.20
CA ASP A 133 -4.18 -24.06 -7.91
C ASP A 133 -5.01 -23.22 -8.89
N GLU A 134 -6.09 -23.82 -9.48
CA GLU A 134 -6.99 -23.16 -10.42
C GLU A 134 -7.62 -21.90 -9.82
N ARG A 135 -8.15 -22.00 -8.57
CA ARG A 135 -8.75 -20.88 -7.84
C ARG A 135 -7.74 -19.75 -7.56
N TYR A 136 -6.50 -20.10 -7.14
CA TYR A 136 -5.47 -19.08 -6.84
C TYR A 136 -5.07 -18.32 -8.12
N LYS A 137 -4.83 -19.06 -9.22
CA LYS A 137 -4.47 -18.55 -10.55
C LYS A 137 -5.52 -17.54 -11.05
N SER A 138 -6.83 -17.87 -10.89
CA SER A 138 -7.96 -16.99 -11.26
C SER A 138 -7.92 -15.70 -10.43
N PHE A 139 -7.97 -15.82 -9.08
CA PHE A 139 -7.91 -14.73 -8.09
C PHE A 139 -6.86 -13.66 -8.48
N LYS A 140 -5.62 -14.10 -8.74
CA LYS A 140 -4.50 -13.24 -9.10
C LYS A 140 -4.68 -12.52 -10.43
N LEU A 141 -5.20 -13.23 -11.45
CA LEU A 141 -5.43 -12.66 -12.78
C LEU A 141 -6.56 -11.66 -12.71
N PHE A 142 -7.64 -12.01 -11.99
CA PHE A 142 -8.84 -11.17 -11.86
C PHE A 142 -8.58 -9.92 -11.01
N THR A 143 -7.96 -10.06 -9.82
CA THR A 143 -7.65 -8.91 -8.95
C THR A 143 -6.57 -7.98 -9.56
N SER A 144 -5.84 -8.43 -10.61
CA SER A 144 -4.84 -7.59 -11.26
C SER A 144 -5.53 -6.45 -12.04
N VAL A 145 -6.83 -6.63 -12.39
CA VAL A 145 -7.68 -5.67 -13.07
C VAL A 145 -8.16 -4.70 -11.99
N PHE A 146 -7.96 -3.40 -12.25
CA PHE A 146 -8.39 -2.33 -11.35
C PHE A 146 -9.91 -2.32 -11.37
N GLY A 147 -10.51 -2.37 -10.18
CA GLY A 147 -11.95 -2.40 -9.97
C GLY A 147 -12.50 -3.79 -9.73
N VAL A 148 -11.60 -4.78 -9.60
CA VAL A 148 -11.97 -6.19 -9.35
C VAL A 148 -11.26 -6.61 -8.08
N GLY A 149 -12.04 -6.95 -7.07
CA GLY A 149 -11.53 -7.43 -5.80
C GLY A 149 -11.81 -8.91 -5.62
N LEU A 150 -11.62 -9.41 -4.39
CA LEU A 150 -11.84 -10.80 -3.99
C LEU A 150 -13.23 -11.31 -4.34
N LYS A 151 -14.26 -10.49 -4.08
CA LYS A 151 -15.67 -10.81 -4.29
C LYS A 151 -16.03 -11.03 -5.75
N THR A 152 -15.73 -10.06 -6.65
CA THR A 152 -15.98 -10.16 -8.10
C THR A 152 -15.14 -11.30 -8.72
N ALA A 153 -13.88 -11.46 -8.25
CA ALA A 153 -12.98 -12.53 -8.70
C ALA A 153 -13.62 -13.90 -8.43
N GLU A 154 -14.21 -14.09 -7.21
CA GLU A 154 -14.94 -15.31 -6.78
C GLU A 154 -16.25 -15.43 -7.56
N LYS A 155 -16.96 -14.29 -7.77
CA LYS A 155 -18.21 -14.18 -8.55
C LYS A 155 -18.00 -14.71 -9.97
N TRP A 156 -16.91 -14.29 -10.61
CA TRP A 156 -16.53 -14.68 -11.96
C TRP A 156 -16.00 -16.08 -12.02
N PHE A 157 -15.35 -16.56 -10.93
CA PHE A 157 -14.82 -17.93 -10.81
C PHE A 157 -15.98 -18.91 -10.67
N ARG A 158 -17.01 -18.55 -9.88
CA ARG A 158 -18.22 -19.35 -9.65
C ARG A 158 -19.12 -19.41 -10.90
N MET A 159 -18.75 -18.66 -11.97
CA MET A 159 -19.42 -18.59 -13.27
C MET A 159 -18.60 -19.38 -14.32
N GLY A 160 -17.48 -19.95 -13.88
CA GLY A 160 -16.60 -20.75 -14.72
C GLY A 160 -15.56 -19.98 -15.52
N PHE A 161 -15.33 -18.70 -15.18
CA PHE A 161 -14.34 -17.91 -15.88
C PHE A 161 -12.93 -18.18 -15.34
N ARG A 162 -11.96 -18.33 -16.27
CA ARG A 162 -10.56 -18.58 -15.93
C ARG A 162 -9.61 -17.60 -16.64
N THR A 163 -10.04 -17.02 -17.79
CA THR A 163 -9.28 -16.06 -18.60
C THR A 163 -9.96 -14.69 -18.69
N LEU A 164 -9.17 -13.64 -19.05
CA LEU A 164 -9.70 -12.27 -19.20
C LEU A 164 -10.36 -12.06 -20.57
N SER A 165 -9.92 -12.84 -21.60
CA SER A 165 -10.48 -12.83 -22.96
C SER A 165 -11.95 -13.23 -22.88
N LYS A 166 -12.26 -14.34 -22.13
CA LYS A 166 -13.61 -14.88 -21.87
C LYS A 166 -14.48 -13.86 -21.13
N ILE A 167 -13.91 -13.13 -20.16
CA ILE A 167 -14.61 -12.10 -19.39
C ILE A 167 -15.03 -10.95 -20.31
N GLN A 168 -14.07 -10.43 -21.12
CA GLN A 168 -14.28 -9.34 -22.06
C GLN A 168 -15.20 -9.72 -23.24
N SER A 169 -15.14 -10.98 -23.71
CA SER A 169 -15.95 -11.49 -24.80
C SER A 169 -17.43 -11.53 -24.43
N ASP A 170 -17.75 -11.88 -23.17
CA ASP A 170 -19.12 -12.01 -22.69
C ASP A 170 -19.96 -10.74 -22.82
N LYS A 171 -21.09 -10.91 -23.51
CA LYS A 171 -22.16 -9.98 -23.86
C LYS A 171 -23.05 -9.70 -22.63
N SER A 172 -23.35 -10.77 -21.86
CA SER A 172 -24.21 -10.74 -20.68
C SER A 172 -23.60 -9.99 -19.49
N LEU A 173 -22.25 -10.07 -19.31
CA LEU A 173 -21.54 -9.42 -18.19
C LEU A 173 -21.74 -7.91 -18.11
N ARG A 174 -21.82 -7.38 -16.87
CA ARG A 174 -22.02 -5.96 -16.60
C ARG A 174 -20.83 -5.39 -15.82
N PHE A 175 -20.09 -4.49 -16.46
CA PHE A 175 -18.89 -3.89 -15.86
C PHE A 175 -19.14 -2.51 -15.26
N THR A 176 -18.55 -2.27 -14.09
CA THR A 176 -18.67 -0.99 -13.41
C THR A 176 -17.73 -0.01 -14.08
N GLN A 177 -17.93 1.29 -13.81
CA GLN A 177 -17.12 2.37 -14.38
C GLN A 177 -15.62 2.22 -14.08
N MET A 178 -15.28 1.64 -12.92
CA MET A 178 -13.90 1.41 -12.49
C MET A 178 -13.31 0.24 -13.26
N GLN A 179 -14.03 -0.90 -13.32
CA GLN A 179 -13.68 -2.11 -14.09
C GLN A 179 -13.42 -1.79 -15.57
N LYS A 180 -14.15 -0.79 -16.13
CA LYS A 180 -14.02 -0.32 -17.51
C LYS A 180 -12.67 0.33 -17.72
N ALA A 181 -12.21 1.18 -16.77
CA ALA A 181 -10.89 1.86 -16.85
C ALA A 181 -9.73 0.88 -16.62
N GLY A 182 -9.93 -0.07 -15.69
CA GLY A 182 -8.98 -1.13 -15.39
C GLY A 182 -8.71 -2.01 -16.59
N PHE A 183 -9.73 -2.24 -17.44
CA PHE A 183 -9.60 -3.05 -18.66
C PHE A 183 -9.03 -2.25 -19.82
N LEU A 184 -9.40 -0.96 -19.89
CA LEU A 184 -9.00 0.02 -20.90
C LEU A 184 -7.49 0.28 -20.81
N TYR A 185 -6.98 0.46 -19.58
CA TYR A 185 -5.58 0.81 -19.32
C TYR A 185 -4.77 -0.30 -18.67
N TYR A 186 -5.28 -1.54 -18.76
CA TYR A 186 -4.72 -2.77 -18.18
C TYR A 186 -3.18 -2.93 -18.33
N GLU A 187 -2.62 -2.81 -19.56
CA GLU A 187 -1.18 -3.00 -19.78
C GLU A 187 -0.31 -2.01 -19.01
N ASP A 188 -0.72 -0.72 -18.95
CA ASP A 188 0.00 0.33 -18.22
C ASP A 188 -0.09 0.11 -16.70
N LEU A 189 -1.27 -0.25 -16.19
CA LEU A 189 -1.54 -0.43 -14.76
C LEU A 189 -0.95 -1.75 -14.18
N VAL A 190 -0.68 -2.72 -15.05
CA VAL A 190 -0.12 -4.03 -14.66
C VAL A 190 1.42 -3.95 -14.53
N SER A 191 2.03 -2.93 -15.16
CA SER A 191 3.44 -2.63 -15.03
C SER A 191 3.46 -1.59 -13.92
N CYS A 192 4.31 -1.78 -12.94
CA CYS A 192 4.31 -0.82 -11.84
C CYS A 192 4.90 0.55 -12.26
N VAL A 193 4.63 1.59 -11.47
CA VAL A 193 5.18 2.94 -11.65
C VAL A 193 6.65 2.92 -11.14
N ASN A 194 7.61 3.45 -11.94
CA ASN A 194 9.01 3.55 -11.53
C ASN A 194 9.33 4.93 -10.93
N ARG A 195 10.50 5.08 -10.27
CA ARG A 195 10.95 6.32 -9.63
C ARG A 195 10.95 7.56 -10.58
N PRO A 196 11.53 7.55 -11.82
CA PRO A 196 11.44 8.74 -12.71
C PRO A 196 9.99 9.14 -13.03
N GLU A 197 9.10 8.16 -13.32
CA GLU A 197 7.66 8.38 -13.59
C GLU A 197 6.99 9.04 -12.38
N ALA A 198 7.35 8.59 -11.14
CA ALA A 198 6.82 9.16 -9.87
C ALA A 198 7.34 10.58 -9.67
N GLU A 199 8.65 10.84 -10.02
CA GLU A 199 9.28 12.17 -9.96
C GLU A 199 8.52 13.18 -10.87
N ALA A 200 8.08 12.72 -12.06
CA ALA A 200 7.31 13.48 -13.05
C ALA A 200 5.91 13.73 -12.57
N VAL A 201 5.22 12.70 -12.06
CA VAL A 201 3.85 12.84 -11.52
C VAL A 201 3.84 13.83 -10.35
N SER A 202 4.89 13.82 -9.50
CA SER A 202 5.06 14.76 -8.38
C SER A 202 5.06 16.20 -8.89
N MET A 203 5.69 16.45 -10.07
CA MET A 203 5.77 17.76 -10.71
C MET A 203 4.42 18.23 -11.25
N LEU A 204 3.59 17.29 -11.76
CA LEU A 204 2.23 17.53 -12.23
C LEU A 204 1.37 18.03 -11.07
N VAL A 205 1.39 17.28 -9.94
CA VAL A 205 0.65 17.57 -8.71
C VAL A 205 1.05 18.94 -8.18
N LYS A 206 2.37 19.18 -8.01
CA LYS A 206 2.97 20.46 -7.59
C LYS A 206 2.49 21.66 -8.44
N GLU A 207 2.62 21.57 -9.78
CA GLU A 207 2.14 22.62 -10.69
C GLU A 207 0.63 22.88 -10.50
N ALA A 208 -0.18 21.81 -10.48
CA ALA A 208 -1.63 21.89 -10.33
C ALA A 208 -2.08 22.53 -9.00
N VAL A 209 -1.57 21.99 -7.86
CA VAL A 209 -1.95 22.38 -6.50
C VAL A 209 -1.64 23.89 -6.21
N VAL A 210 -0.41 24.33 -6.50
CA VAL A 210 0.11 25.68 -6.29
C VAL A 210 -0.66 26.75 -7.11
N THR A 211 -1.30 26.36 -8.22
CA THR A 211 -2.10 27.26 -9.06
C THR A 211 -3.35 27.78 -8.31
N PHE A 212 -3.97 26.93 -7.46
CA PHE A 212 -5.19 27.23 -6.71
C PHE A 212 -4.97 27.38 -5.21
N LEU A 213 -3.75 27.05 -4.74
CA LEU A 213 -3.32 27.15 -3.35
C LEU A 213 -1.79 27.31 -3.27
N PRO A 214 -1.25 28.55 -3.51
CA PRO A 214 0.22 28.75 -3.51
C PRO A 214 0.96 28.39 -2.22
N ASP A 215 0.31 28.50 -1.05
CA ASP A 215 0.92 28.18 0.24
C ASP A 215 0.88 26.68 0.60
N ALA A 216 0.09 25.87 -0.13
CA ALA A 216 -0.06 24.42 0.09
C ALA A 216 1.26 23.69 0.05
N LEU A 217 1.36 22.61 0.86
CA LEU A 217 2.52 21.73 0.95
C LEU A 217 2.14 20.37 0.34
N VAL A 218 2.93 19.89 -0.63
CA VAL A 218 2.67 18.61 -1.29
C VAL A 218 3.81 17.65 -0.99
N THR A 219 3.48 16.54 -0.31
CA THR A 219 4.40 15.47 0.07
C THR A 219 4.04 14.15 -0.61
N MET A 220 5.03 13.52 -1.25
CA MET A 220 4.88 12.20 -1.82
C MET A 220 4.95 11.21 -0.64
N THR A 221 3.90 10.39 -0.48
CA THR A 221 3.80 9.36 0.55
C THR A 221 3.92 7.95 -0.08
N GLY A 222 3.39 6.94 0.62
CA GLY A 222 3.43 5.55 0.19
C GLY A 222 4.83 4.98 0.08
N GLY A 223 5.00 4.05 -0.86
CA GLY A 223 6.21 3.27 -1.13
C GLY A 223 7.38 4.09 -1.55
N PHE A 224 7.14 5.16 -2.30
CA PHE A 224 8.18 6.03 -2.81
C PHE A 224 8.84 6.83 -1.69
N ARG A 225 8.05 7.35 -0.70
CA ARG A 225 8.63 8.00 0.49
C ARG A 225 9.52 6.98 1.27
N ARG A 226 9.17 5.69 1.24
CA ARG A 226 9.90 4.62 1.92
C ARG A 226 11.15 4.11 1.17
N GLY A 227 11.51 4.79 0.10
CA GLY A 227 12.70 4.47 -0.69
C GLY A 227 12.53 3.48 -1.81
N LYS A 228 11.28 3.04 -2.09
CA LYS A 228 11.01 2.07 -3.16
C LYS A 228 11.28 2.64 -4.55
N MET A 229 11.61 1.74 -5.48
CA MET A 229 11.94 2.07 -6.87
C MET A 229 10.78 1.74 -7.81
N THR A 230 9.79 0.94 -7.33
CA THR A 230 8.52 0.55 -7.98
C THR A 230 7.36 0.88 -7.06
N GLY A 231 6.16 0.87 -7.62
CA GLY A 231 4.92 1.14 -6.90
C GLY A 231 3.71 0.94 -7.77
N HIS A 232 2.59 0.49 -7.21
CA HIS A 232 1.37 0.29 -8.03
C HIS A 232 0.69 1.62 -8.37
N ASP A 233 0.99 2.66 -7.59
CA ASP A 233 0.45 4.00 -7.75
C ASP A 233 1.45 5.02 -7.19
N VAL A 234 1.08 6.34 -7.21
CA VAL A 234 1.89 7.41 -6.62
C VAL A 234 0.95 8.10 -5.65
N ASP A 235 1.24 7.99 -4.35
CA ASP A 235 0.46 8.52 -3.25
C ASP A 235 0.95 9.93 -2.85
N PHE A 236 0.01 10.87 -2.62
CA PHE A 236 0.34 12.25 -2.21
C PHE A 236 -0.44 12.70 -1.01
N LEU A 237 0.13 13.66 -0.26
CA LEU A 237 -0.51 14.27 0.88
C LEU A 237 -0.43 15.80 0.74
N ILE A 238 -1.61 16.46 0.68
CA ILE A 238 -1.71 17.90 0.49
C ILE A 238 -2.33 18.55 1.71
N THR A 239 -1.67 19.58 2.21
CA THR A 239 -2.15 20.32 3.37
C THR A 239 -1.78 21.80 3.24
N SER A 240 -2.72 22.70 3.61
CA SER A 240 -2.53 24.16 3.52
C SER A 240 -2.69 24.86 4.89
N PRO A 241 -1.67 25.55 5.37
CA PRO A 241 -1.73 26.20 6.67
C PRO A 241 -2.59 27.43 6.74
N GLU A 242 -2.58 28.21 5.67
CA GLU A 242 -3.34 29.43 5.64
C GLU A 242 -4.73 29.28 5.08
N ALA A 243 -4.88 28.42 4.10
CA ALA A 243 -6.12 28.21 3.43
C ALA A 243 -7.33 27.99 4.31
N THR A 244 -8.45 28.51 3.86
CA THR A 244 -9.71 28.38 4.56
C THR A 244 -10.37 27.01 4.41
N GLU A 245 -11.52 26.85 5.01
CA GLU A 245 -12.25 25.60 4.91
C GLU A 245 -12.89 25.48 3.54
N ASP A 246 -13.24 26.61 2.95
CA ASP A 246 -13.86 26.58 1.64
C ASP A 246 -12.80 26.23 0.63
N GLU A 247 -11.63 26.82 0.78
CA GLU A 247 -10.50 26.60 -0.13
C GLU A 247 -9.98 25.19 -0.07
N GLU A 248 -10.30 24.52 1.01
CA GLU A 248 -9.89 23.15 1.35
C GLU A 248 -10.85 22.09 0.82
N GLN A 249 -12.17 22.36 0.92
CA GLN A 249 -13.23 21.45 0.45
C GLN A 249 -13.45 21.53 -1.08
N GLN A 250 -12.60 22.29 -1.79
CA GLN A 250 -12.72 22.48 -3.22
C GLN A 250 -11.43 22.25 -4.03
N LEU A 251 -10.23 22.33 -3.40
CA LEU A 251 -8.95 22.22 -4.11
C LEU A 251 -8.85 20.98 -5.00
N LEU A 252 -9.17 19.78 -4.46
CA LEU A 252 -9.05 18.54 -5.21
C LEU A 252 -9.89 18.53 -6.49
N HIS A 253 -11.06 19.21 -6.46
CA HIS A 253 -11.95 19.37 -7.60
C HIS A 253 -11.29 20.26 -8.62
N LYS A 254 -10.76 21.41 -8.16
CA LYS A 254 -10.06 22.41 -8.96
C LYS A 254 -8.82 21.84 -9.69
N VAL A 255 -8.14 20.84 -9.10
CA VAL A 255 -6.96 20.19 -9.66
C VAL A 255 -7.39 19.14 -10.69
N THR A 256 -8.33 18.26 -10.32
CA THR A 256 -8.83 17.20 -11.19
C THR A 256 -9.55 17.76 -12.42
N ASP A 257 -10.26 18.91 -12.26
CA ASP A 257 -10.92 19.60 -13.36
C ASP A 257 -9.87 20.26 -14.25
N PHE A 258 -8.72 20.67 -13.65
CA PHE A 258 -7.56 21.28 -14.32
C PHE A 258 -6.90 20.28 -15.26
N TRP A 259 -6.83 19.02 -14.82
CA TRP A 259 -6.26 17.91 -15.59
C TRP A 259 -7.23 17.42 -16.66
N LYS A 260 -8.55 17.53 -16.37
CA LYS A 260 -9.66 17.16 -17.23
C LYS A 260 -9.59 17.96 -18.50
N GLN A 261 -9.49 19.32 -18.37
CA GLN A 261 -9.38 20.32 -19.46
C GLN A 261 -8.24 20.01 -20.42
N GLN A 262 -7.09 19.60 -19.86
CA GLN A 262 -5.89 19.25 -20.64
C GLN A 262 -5.92 17.81 -21.19
N GLY A 263 -7.01 17.09 -20.93
CA GLY A 263 -7.19 15.71 -21.40
C GLY A 263 -6.31 14.68 -20.73
N LEU A 264 -5.81 15.00 -19.52
CA LEU A 264 -4.94 14.15 -18.72
C LEU A 264 -5.69 13.25 -17.75
N LEU A 265 -6.94 13.62 -17.40
CA LEU A 265 -7.73 12.85 -16.44
C LEU A 265 -8.44 11.66 -17.10
N LEU A 266 -7.81 10.47 -17.00
CA LEU A 266 -8.31 9.23 -17.57
C LEU A 266 -9.37 8.56 -16.71
N TYR A 267 -9.35 8.87 -15.40
CA TYR A 267 -10.30 8.34 -14.42
C TYR A 267 -10.19 9.15 -13.14
N HIS A 268 -11.30 9.30 -12.44
CA HIS A 268 -11.43 10.00 -11.16
C HIS A 268 -12.59 9.48 -10.28
N GLN A 269 -12.31 9.28 -9.02
CA GLN A 269 -13.25 8.85 -7.98
C GLN A 269 -12.92 9.70 -6.77
N TYR A 270 -13.86 10.58 -6.41
CA TYR A 270 -13.76 11.52 -5.30
C TYR A 270 -14.43 10.98 -4.01
N HIS A 271 -13.93 11.43 -2.86
CA HIS A 271 -14.43 11.10 -1.51
C HIS A 271 -14.23 12.29 -0.58
N ARG A 272 -15.29 12.66 0.16
CA ARG A 272 -15.23 13.75 1.15
C ARG A 272 -15.56 13.21 2.53
N SER A 273 -15.00 13.85 3.58
CA SER A 273 -15.22 13.50 5.00
C SER A 273 -14.83 14.67 5.91
N PHE A 292 -10.80 12.43 5.67
CA PHE A 292 -10.25 13.70 5.17
C PHE A 292 -10.99 14.14 3.90
N GLU A 293 -10.27 14.17 2.75
CA GLU A 293 -10.72 14.44 1.39
C GLU A 293 -9.78 13.72 0.46
N ARG A 294 -10.29 12.73 -0.26
CA ARG A 294 -9.54 11.83 -1.10
C ARG A 294 -9.99 11.83 -2.55
N SER A 295 -9.03 11.77 -3.47
CA SER A 295 -9.35 11.66 -4.89
C SER A 295 -8.44 10.59 -5.52
N PHE A 296 -9.03 9.45 -5.97
CA PHE A 296 -8.31 8.35 -6.63
C PHE A 296 -8.34 8.63 -8.12
N CYS A 297 -7.18 8.71 -8.76
CA CYS A 297 -7.10 9.06 -10.18
C CYS A 297 -6.32 8.08 -10.99
N ILE A 298 -6.55 8.13 -12.32
CA ILE A 298 -5.75 7.50 -13.35
C ILE A 298 -5.40 8.68 -14.24
N LEU A 299 -4.13 9.04 -14.25
CA LEU A 299 -3.66 10.16 -15.02
C LEU A 299 -2.90 9.71 -16.27
N LYS A 300 -2.85 10.59 -17.28
CA LYS A 300 -2.09 10.35 -18.50
C LYS A 300 -0.77 11.10 -18.34
N LEU A 301 0.32 10.34 -18.18
CA LEU A 301 1.63 10.93 -18.05
C LEU A 301 2.31 10.76 -19.38
N ASP A 302 2.64 11.89 -20.02
CA ASP A 302 3.32 11.97 -21.32
C ASP A 302 4.81 11.67 -21.09
N HIS A 303 5.39 10.82 -21.95
CA HIS A 303 6.80 10.40 -21.88
C HIS A 303 7.77 11.56 -21.85
N GLY A 304 7.37 12.68 -22.44
CA GLY A 304 8.17 13.90 -22.46
C GLY A 304 8.40 14.50 -21.09
N ARG A 305 7.50 14.24 -20.18
CA ARG A 305 7.60 14.74 -18.83
C ARG A 305 8.50 13.94 -17.90
N VAL A 306 8.86 12.73 -18.32
CA VAL A 306 9.70 11.82 -17.58
C VAL A 306 11.15 12.00 -17.97
N HIS A 307 12.05 11.97 -17.01
CA HIS A 307 13.47 12.14 -17.28
C HIS A 307 14.28 10.86 -17.33
N SER A 308 14.31 10.25 -18.51
CA SER A 308 14.93 8.93 -18.75
C SER A 308 16.43 8.84 -18.42
N GLY A 316 6.47 2.78 -29.08
CA GLY A 316 5.73 3.39 -27.98
C GLY A 316 4.49 4.14 -28.39
N LYS A 317 3.71 4.66 -27.38
CA LYS A 317 2.47 5.43 -27.58
C LYS A 317 2.57 6.87 -27.08
N GLY A 318 3.70 7.25 -26.52
CA GLY A 318 3.92 8.62 -26.08
C GLY A 318 3.46 9.00 -24.68
N TRP A 319 2.61 8.17 -24.05
CA TRP A 319 2.08 8.40 -22.72
C TRP A 319 1.90 7.08 -21.95
N LYS A 320 1.74 7.18 -20.61
CA LYS A 320 1.50 6.06 -19.72
C LYS A 320 0.42 6.40 -18.71
N ALA A 321 -0.54 5.47 -18.52
CA ALA A 321 -1.63 5.60 -17.54
C ALA A 321 -1.03 5.25 -16.21
N ILE A 322 -1.20 6.15 -15.22
CA ILE A 322 -0.65 6.01 -13.87
C ILE A 322 -1.72 6.31 -12.81
N ARG A 323 -1.90 5.37 -11.85
CA ARG A 323 -2.82 5.53 -10.71
C ARG A 323 -2.20 6.56 -9.70
N VAL A 324 -2.96 7.59 -9.32
CA VAL A 324 -2.48 8.66 -8.42
C VAL A 324 -3.46 8.85 -7.29
N ASP A 325 -3.00 8.66 -6.07
CA ASP A 325 -3.85 8.82 -4.92
C ASP A 325 -3.57 10.14 -4.21
N LEU A 326 -4.55 11.07 -4.21
CA LEU A 326 -4.40 12.38 -3.59
C LEU A 326 -5.28 12.55 -2.35
N VAL A 327 -4.61 12.70 -1.18
CA VAL A 327 -5.20 12.95 0.14
C VAL A 327 -5.00 14.43 0.52
N MET A 328 -6.09 15.11 0.88
CA MET A 328 -6.17 16.50 1.30
C MET A 328 -6.62 16.48 2.76
N CYS A 329 -5.71 16.81 3.69
CA CYS A 329 -6.03 16.79 5.12
C CYS A 329 -5.96 18.20 5.80
N PRO A 330 -6.61 18.46 6.97
CA PRO A 330 -6.44 19.77 7.61
C PRO A 330 -5.02 19.88 8.17
N TYR A 331 -4.42 21.08 8.09
CA TYR A 331 -3.05 21.39 8.51
C TYR A 331 -2.72 20.94 9.95
N ASP A 332 -3.71 20.91 10.84
CA ASP A 332 -3.55 20.47 12.21
C ASP A 332 -3.41 18.91 12.35
N ARG A 333 -3.71 18.14 11.30
CA ARG A 333 -3.66 16.65 11.35
C ARG A 333 -2.58 16.03 10.45
N ARG A 334 -1.76 16.87 9.80
CA ARG A 334 -0.72 16.49 8.85
C ARG A 334 0.31 15.47 9.37
N ALA A 335 0.65 15.46 10.68
CA ALA A 335 1.64 14.54 11.26
C ALA A 335 1.07 13.13 11.35
N PHE A 336 -0.23 13.07 11.69
CA PHE A 336 -0.99 11.83 11.77
C PHE A 336 -1.26 11.31 10.36
N ALA A 337 -1.59 12.22 9.40
CA ALA A 337 -1.83 11.80 8.03
C ALA A 337 -0.51 11.35 7.36
N LEU A 338 0.59 12.11 7.57
CA LEU A 338 1.91 11.73 7.06
C LEU A 338 2.32 10.35 7.57
N LEU A 339 2.16 10.07 8.88
CA LEU A 339 2.51 8.74 9.45
C LEU A 339 1.60 7.65 8.87
N GLY A 340 0.30 7.91 8.80
CA GLY A 340 -0.71 6.98 8.30
C GLY A 340 -0.70 6.66 6.82
N TRP A 341 -0.22 7.59 5.96
CA TRP A 341 -0.19 7.35 4.52
C TRP A 341 1.19 7.01 3.97
N THR A 342 2.25 7.03 4.81
CA THR A 342 3.59 6.66 4.41
C THR A 342 3.67 5.15 4.32
N GLY A 343 3.00 4.46 5.24
CA GLY A 343 3.06 3.01 5.33
C GLY A 343 4.31 2.45 5.98
N SER A 344 4.63 1.17 5.77
CA SER A 344 3.84 0.22 4.98
C SER A 344 2.60 -0.22 5.75
N ARG A 345 1.70 -0.98 5.09
CA ARG A 345 0.49 -1.56 5.65
C ARG A 345 0.75 -2.34 6.97
N GLN A 346 1.88 -3.07 7.05
CA GLN A 346 2.25 -3.87 8.22
C GLN A 346 2.78 -3.01 9.34
N PHE A 347 3.50 -1.95 8.99
CA PHE A 347 4.01 -1.00 9.97
C PHE A 347 2.81 -0.23 10.56
N GLU A 348 1.82 0.09 9.70
CA GLU A 348 0.59 0.78 10.06
C GLU A 348 -0.24 0.02 11.07
N ARG A 349 -0.46 -1.29 10.81
CA ARG A 349 -1.28 -2.08 11.71
C ARG A 349 -0.57 -2.40 13.03
N ASP A 350 0.75 -2.68 12.97
CA ASP A 350 1.54 -2.98 14.16
C ASP A 350 1.71 -1.74 15.07
N LEU A 351 1.68 -0.50 14.49
CA LEU A 351 1.72 0.80 15.20
C LEU A 351 0.45 0.94 16.05
N ARG A 352 -0.71 0.64 15.44
CA ARG A 352 -2.04 0.69 16.05
C ARG A 352 -2.24 -0.43 17.07
N ARG A 353 -1.82 -1.66 16.74
CA ARG A 353 -1.86 -2.84 17.61
C ARG A 353 -0.99 -2.57 18.85
N TYR A 354 0.18 -1.94 18.64
CA TYR A 354 1.06 -1.55 19.73
C TYR A 354 0.38 -0.51 20.63
N ALA A 355 -0.19 0.56 20.04
CA ALA A 355 -0.88 1.64 20.74
C ALA A 355 -1.97 1.10 21.65
N THR A 356 -2.83 0.22 21.13
CA THR A 356 -3.98 -0.40 21.80
C THR A 356 -3.58 -1.33 22.93
N HIS A 357 -2.76 -2.34 22.61
CA HIS A 357 -2.42 -3.40 23.53
C HIS A 357 -1.27 -3.10 24.44
N GLU A 358 -0.26 -2.36 23.96
CA GLU A 358 0.88 -2.02 24.80
C GLU A 358 0.73 -0.71 25.59
N ARG A 359 0.05 0.31 25.02
CA ARG A 359 -0.04 1.63 25.65
C ARG A 359 -1.43 2.13 26.04
N LYS A 360 -2.50 1.33 25.78
CA LYS A 360 -3.90 1.71 26.05
C LYS A 360 -4.19 3.09 25.40
N MET A 361 -3.85 3.18 24.11
CA MET A 361 -4.03 4.37 23.27
C MET A 361 -4.79 4.01 21.99
N MET A 362 -5.26 5.02 21.26
CA MET A 362 -5.99 4.80 20.02
C MET A 362 -5.41 5.70 18.96
N LEU A 363 -4.72 5.10 17.98
CA LEU A 363 -4.07 5.79 16.86
C LEU A 363 -4.81 5.51 15.58
N ASP A 364 -4.99 6.57 14.77
CA ASP A 364 -5.56 6.56 13.42
C ASP A 364 -4.96 7.74 12.63
N ASN A 365 -5.30 7.87 11.32
CA ASN A 365 -4.78 8.86 10.39
C ASN A 365 -5.04 10.32 10.72
N HIS A 366 -5.88 10.60 11.73
CA HIS A 366 -6.20 11.98 12.07
C HIS A 366 -5.86 12.36 13.50
N ALA A 367 -5.69 11.39 14.42
CA ALA A 367 -5.41 11.67 15.84
C ALA A 367 -4.91 10.50 16.66
N LEU A 368 -4.36 10.81 17.84
CA LEU A 368 -3.90 9.86 18.84
C LEU A 368 -4.58 10.22 20.14
N TYR A 369 -5.33 9.28 20.70
CA TYR A 369 -6.05 9.48 21.95
C TYR A 369 -5.44 8.59 23.03
N ASP A 370 -5.16 9.17 24.20
CA ASP A 370 -4.69 8.44 25.36
C ASP A 370 -5.95 8.09 26.20
N ARG A 371 -6.29 6.79 26.29
CA ARG A 371 -7.47 6.30 27.02
C ARG A 371 -7.41 6.44 28.52
N THR A 372 -6.20 6.59 29.10
CA THR A 372 -5.97 6.68 30.55
C THR A 372 -5.95 8.15 30.99
N LYS A 373 -5.08 8.97 30.36
CA LYS A 373 -4.98 10.40 30.63
C LYS A 373 -6.23 11.18 30.09
N ARG A 374 -7.10 10.48 29.32
CA ARG A 374 -8.35 10.95 28.71
C ARG A 374 -8.20 12.20 27.87
N VAL A 375 -7.09 12.28 27.13
CA VAL A 375 -6.76 13.40 26.25
C VAL A 375 -6.31 12.96 24.89
N PHE A 376 -6.56 13.81 23.89
CA PHE A 376 -6.05 13.63 22.54
C PHE A 376 -4.67 14.27 22.58
N LEU A 377 -3.62 13.54 22.10
CA LEU A 377 -2.23 14.00 22.06
C LEU A 377 -1.95 14.78 20.78
N GLU A 378 -1.43 16.02 20.89
CA GLU A 378 -1.07 16.89 19.76
C GLU A 378 0.31 16.51 19.21
N ALA A 379 0.53 16.70 17.89
CA ALA A 379 1.84 16.44 17.26
C ALA A 379 1.96 17.25 15.99
N GLU A 380 3.13 17.86 15.78
CA GLU A 380 3.43 18.67 14.61
C GLU A 380 4.44 17.94 13.70
N SER A 381 4.78 16.67 14.06
CA SER A 381 5.74 15.80 13.39
C SER A 381 5.58 14.32 13.80
N GLU A 382 6.05 13.38 12.91
CA GLU A 382 6.01 11.93 13.14
C GLU A 382 6.90 11.57 14.30
N GLU A 383 8.02 12.30 14.47
CA GLU A 383 8.99 12.22 15.57
C GLU A 383 8.25 12.28 16.89
N GLU A 384 7.37 13.30 17.06
CA GLU A 384 6.54 13.50 18.28
C GLU A 384 5.51 12.38 18.55
N ILE A 385 4.97 11.74 17.49
CA ILE A 385 4.01 10.63 17.63
C ILE A 385 4.72 9.40 18.22
N PHE A 386 5.89 9.01 17.66
CA PHE A 386 6.69 7.89 18.16
C PHE A 386 7.01 8.16 19.61
N ALA A 387 7.38 9.42 19.94
CA ALA A 387 7.72 9.85 21.29
C ALA A 387 6.57 9.67 22.24
N HIS A 388 5.31 10.01 21.81
CA HIS A 388 4.06 9.83 22.63
C HIS A 388 3.82 8.36 22.98
N LEU A 389 4.17 7.47 22.05
CA LEU A 389 3.92 6.06 22.10
C LEU A 389 5.04 5.27 22.74
N GLY A 390 6.14 5.93 23.09
CA GLY A 390 7.28 5.25 23.69
C GLY A 390 8.03 4.38 22.69
N LEU A 391 8.12 4.83 21.42
CA LEU A 391 8.83 4.12 20.37
C LEU A 391 10.02 4.91 19.92
N ASP A 392 11.09 4.21 19.51
CA ASP A 392 12.28 4.81 18.93
C ASP A 392 11.89 5.23 17.50
N TYR A 393 12.26 6.44 17.09
CA TYR A 393 11.89 6.93 15.77
C TYR A 393 12.44 6.05 14.63
N ILE A 394 11.53 5.57 13.74
CA ILE A 394 11.83 4.74 12.56
C ILE A 394 11.64 5.63 11.34
N GLU A 395 12.74 5.96 10.63
CA GLU A 395 12.74 6.81 9.44
C GLU A 395 11.91 6.16 8.32
N PRO A 396 11.27 6.91 7.37
CA PRO A 396 10.38 6.24 6.38
C PRO A 396 11.00 5.05 5.60
N TRP A 397 12.28 5.12 5.30
CA TRP A 397 12.96 4.07 4.54
C TRP A 397 13.31 2.81 5.39
N GLU A 398 12.99 2.82 6.68
CA GLU A 398 13.14 1.67 7.59
C GLU A 398 11.74 1.13 7.98
N ARG A 399 10.69 1.52 7.22
CA ARG A 399 9.30 1.14 7.47
C ARG A 399 8.76 0.16 6.46
N ASN A 400 9.66 -0.52 5.74
CA ASN A 400 9.32 -1.49 4.69
C ASN A 400 9.05 -2.90 5.21
N ALA A 401 8.08 -2.98 6.13
CA ALA A 401 7.60 -4.22 6.73
C ALA A 401 6.54 -4.87 5.83
NA NA H . -7.70 -4.83 -8.32
N1 DCT I . -2.33 1.68 3.65
C2 DCT I . -2.79 1.14 4.86
N3 DCT I . -3.49 -0.03 4.82
C4 DCT I . -3.74 -0.65 3.65
C5 DCT I . -3.26 -0.12 2.42
C6 DCT I . -2.56 1.03 2.46
O2 DCT I . -2.52 1.71 5.90
N4 DCT I . -4.49 -1.76 3.67
C1' DCT I . -1.57 2.95 3.72
C2' DCT I . -0.05 2.76 3.86
C3' DCT I . 0.49 3.13 2.48
C4' DCT I . -0.55 4.09 1.96
O4' DCT I . -1.80 3.69 2.54
C5' DCT I . -0.70 4.07 0.45
O5' DCT I . -1.18 2.76 0.09
PA DCT I . -0.75 1.95 -1.19
O1A DCT I . -1.36 2.69 -2.37
O2A DCT I . -1.28 0.57 -1.07
O3A DCT I . 0.82 2.04 -1.46
PB DCT I . 2.13 1.32 -0.91
O1B DCT I . 3.11 2.21 -0.34
O2B DCT I . 1.68 0.35 0.14
O3B DCT I . 2.64 0.45 -2.15
PG DCT I . 2.55 0.49 -3.75
O1G DCT I . 3.87 0.81 -4.29
O2G DCT I . 2.04 -0.87 -4.16
O3G DCT I . 1.50 1.58 -4.08
MG MG J . 1.95 3.87 -3.75
#